data_9D17
#
_entry.id   9D17
#
_cell.length_a   71.840
_cell.length_b   40.810
_cell.length_c   101.500
_cell.angle_alpha   90.000
_cell.angle_beta   97.520
_cell.angle_gamma   90.000
#
_symmetry.space_group_name_H-M   'C 1 2 1'
#
loop_
_entity.id
_entity.type
_entity.pdbx_description
1 polymer 'Mannan-binding lectin serine protease 2 B chain'
2 non-polymer 2-(2-amino-1H-1,3-benzimidazol-1-yl)-N-(5-ethylpyridin-2-yl)acetamide
3 non-polymer GLYCEROL
4 non-polymer 'DIMETHYL SULFOXIDE'
5 water water
#
_entity_poly.entity_id   1
_entity_poly.type   'polypeptide(L)'
_entity_poly.pdbx_seq_one_letter_code
;IVDCGPPDDLPSGRVEYITGPGVTTYKAVIQYSCEETFYTMKVNDGKYVCEADGFWTSSKGEKSLPVCEPVCGLSARTTG
GRIYGGQKAKPGDFPWQVLILGGTTAAGALLYDNWVLTAAHAVYEQKHDASALDIRMGTLKRLSPHYTQAWSEAVFIHEG
YTHDAGFDNDIALIKLNNKVVINSNITPICLPRKEAESFMRTDDIGTASGWGLTQRGFLARNLMYVDIPIVDHQKCTAAY
EKPPYPRGSVTANMLCAGLESGGKDSCRGDSGGALVFLDSETERWFVGGIVSWGSMNCGEAGQYGVYTKVINYIPWIENI
ISDF
;
_entity_poly.pdbx_strand_id   A
#
# COMPACT_ATOMS: atom_id res chain seq x y z
N VAL A 2 -17.12 -30.38 -29.86
CA VAL A 2 -16.30 -29.44 -29.09
C VAL A 2 -17.15 -28.66 -28.09
N ASP A 3 -17.02 -29.00 -26.80
CA ASP A 3 -17.77 -28.39 -25.71
C ASP A 3 -16.78 -27.88 -24.66
N CYS A 4 -16.71 -26.55 -24.49
CA CYS A 4 -15.71 -25.96 -23.59
C CYS A 4 -16.07 -26.10 -22.12
N GLY A 5 -17.31 -26.42 -21.78
CA GLY A 5 -17.68 -26.64 -20.40
C GLY A 5 -18.01 -25.36 -19.65
N PRO A 6 -18.30 -25.47 -18.36
CA PRO A 6 -18.71 -24.27 -17.59
C PRO A 6 -17.50 -23.40 -17.28
N PRO A 7 -17.60 -22.07 -17.44
CA PRO A 7 -16.41 -21.24 -17.26
C PRO A 7 -16.05 -21.05 -15.80
N ASP A 8 -14.77 -20.74 -15.60
CA ASP A 8 -14.28 -20.43 -14.27
C ASP A 8 -14.88 -19.12 -13.78
N ASP A 9 -15.12 -19.07 -12.47
CA ASP A 9 -15.59 -17.84 -11.83
C ASP A 9 -14.47 -16.81 -11.82
N LEU A 10 -14.85 -15.52 -11.86
CA LEU A 10 -13.89 -14.43 -11.86
C LEU A 10 -13.90 -13.77 -10.48
N PRO A 11 -12.80 -13.78 -9.72
CA PRO A 11 -12.81 -13.07 -8.42
C PRO A 11 -13.07 -11.58 -8.59
N SER A 12 -13.89 -11.03 -7.68
CA SER A 12 -14.35 -9.65 -7.74
C SER A 12 -15.07 -9.34 -9.05
N GLY A 13 -15.61 -10.37 -9.71
CA GLY A 13 -16.34 -10.19 -10.95
C GLY A 13 -17.30 -11.34 -11.14
N ARG A 14 -18.01 -11.28 -12.26
CA ARG A 14 -19.03 -12.26 -12.60
C ARG A 14 -18.82 -12.73 -14.04
N VAL A 15 -19.45 -13.86 -14.37
CA VAL A 15 -19.51 -14.37 -15.73
C VAL A 15 -20.98 -14.47 -16.13
N GLU A 16 -21.22 -14.34 -17.43
CA GLU A 16 -22.56 -14.40 -17.98
C GLU A 16 -22.51 -15.12 -19.32
N TYR A 17 -23.54 -15.92 -19.58
CA TYR A 17 -23.70 -16.58 -20.88
C TYR A 17 -24.40 -15.63 -21.84
N ILE A 18 -23.76 -15.36 -22.97
CA ILE A 18 -24.35 -14.53 -24.02
C ILE A 18 -25.23 -15.36 -24.95
N THR A 19 -24.67 -16.44 -25.53
CA THR A 19 -25.43 -17.23 -26.50
C THR A 19 -26.67 -17.84 -25.86
N GLY A 20 -26.51 -18.56 -24.75
CA GLY A 20 -27.64 -18.96 -23.94
C GLY A 20 -27.25 -19.52 -22.59
N PRO A 21 -28.21 -19.58 -21.64
CA PRO A 21 -27.88 -20.18 -20.33
C PRO A 21 -27.30 -21.59 -20.44
N GLY A 22 -26.01 -21.72 -20.17
CA GLY A 22 -25.34 -23.01 -20.25
C GLY A 22 -24.73 -23.37 -21.59
N VAL A 23 -24.98 -22.58 -22.63
CA VAL A 23 -24.44 -22.88 -23.96
C VAL A 23 -22.92 -22.81 -23.88
N THR A 24 -22.27 -23.98 -23.92
CA THR A 24 -20.82 -24.11 -23.84
C THR A 24 -20.25 -24.81 -25.08
N THR A 25 -20.98 -24.77 -26.19
CA THR A 25 -20.58 -25.45 -27.41
C THR A 25 -19.59 -24.58 -28.18
N TYR A 26 -19.02 -25.15 -29.23
CA TYR A 26 -18.13 -24.40 -30.13
C TYR A 26 -18.85 -23.15 -30.63
N LYS A 27 -18.13 -22.02 -30.57
CA LYS A 27 -18.58 -20.66 -30.88
C LYS A 27 -19.51 -20.08 -29.83
N ALA A 28 -19.82 -20.81 -28.76
CA ALA A 28 -20.54 -20.19 -27.64
C ALA A 28 -19.76 -18.98 -27.13
N VAL A 29 -20.50 -18.01 -26.59
CA VAL A 29 -19.93 -16.75 -26.15
C VAL A 29 -20.38 -16.51 -24.71
N ILE A 30 -19.42 -16.21 -23.85
CA ILE A 30 -19.66 -15.80 -22.47
C ILE A 30 -19.02 -14.43 -22.30
N GLN A 31 -19.45 -13.73 -21.24
CA GLN A 31 -18.94 -12.40 -20.92
C GLN A 31 -18.59 -12.36 -19.46
N TYR A 32 -17.31 -12.14 -19.18
CA TYR A 32 -16.86 -11.79 -17.86
C TYR A 32 -17.03 -10.30 -17.64
N SER A 33 -17.23 -9.91 -16.39
CA SER A 33 -17.31 -8.49 -16.06
C SER A 33 -16.88 -8.30 -14.60
N CYS A 34 -16.40 -7.10 -14.32
CA CYS A 34 -16.06 -6.66 -12.99
C CYS A 34 -17.12 -5.69 -12.50
N GLU A 35 -17.16 -5.50 -11.19
CA GLU A 35 -17.87 -4.34 -10.62
C GLU A 35 -17.06 -3.10 -11.00
N GLU A 36 -17.53 -2.36 -12.02
CA GLU A 36 -16.71 -1.34 -12.66
C GLU A 36 -16.54 -0.05 -11.85
N THR A 37 -17.29 0.14 -10.75
CA THR A 37 -17.09 1.38 -9.99
C THR A 37 -15.78 1.33 -9.22
N PHE A 38 -15.54 0.27 -8.45
CA PHE A 38 -14.34 0.16 -7.62
C PHE A 38 -13.34 -0.85 -8.14
N TYR A 39 -13.63 -1.53 -9.25
CA TYR A 39 -12.71 -2.46 -9.89
C TYR A 39 -12.68 -2.13 -11.38
N THR A 40 -11.58 -2.51 -12.04
CA THR A 40 -11.46 -2.32 -13.47
C THR A 40 -10.89 -3.61 -14.04
N MET A 41 -11.49 -4.11 -15.10
CA MET A 41 -10.99 -5.34 -15.70
C MET A 41 -9.68 -5.06 -16.41
N LYS A 42 -8.74 -5.98 -16.25
CA LYS A 42 -7.47 -5.95 -16.93
C LYS A 42 -7.38 -7.19 -17.82
N VAL A 43 -6.38 -7.19 -18.71
CA VAL A 43 -6.01 -8.27 -19.63
C VAL A 43 -6.82 -8.15 -20.92
N ASN A 44 -8.14 -8.38 -20.86
CA ASN A 44 -8.98 -8.39 -22.06
C ASN A 44 -10.33 -7.74 -21.75
N ASP A 45 -11.19 -7.71 -22.77
CA ASP A 45 -12.54 -7.15 -22.65
C ASP A 45 -13.53 -8.11 -22.02
N GLY A 46 -13.11 -9.31 -21.60
CA GLY A 46 -13.99 -10.26 -20.96
C GLY A 46 -14.80 -11.13 -21.89
N LYS A 47 -14.81 -10.82 -23.18
CA LYS A 47 -15.53 -11.64 -24.15
C LYS A 47 -14.72 -12.88 -24.44
N TYR A 48 -15.25 -14.05 -24.08
CA TYR A 48 -14.60 -15.33 -24.32
C TYR A 48 -15.48 -16.18 -25.22
N VAL A 49 -14.89 -16.71 -26.29
CA VAL A 49 -15.57 -17.61 -27.20
C VAL A 49 -15.00 -19.00 -27.02
N CYS A 50 -15.89 -19.99 -26.97
CA CYS A 50 -15.46 -21.38 -26.97
C CYS A 50 -14.78 -21.67 -28.30
N GLU A 51 -13.59 -22.27 -28.23
CA GLU A 51 -12.77 -22.54 -29.40
C GLU A 51 -12.75 -24.04 -29.68
N ALA A 52 -12.29 -24.39 -30.89
CA ALA A 52 -12.30 -25.78 -31.32
C ALA A 52 -11.47 -26.67 -30.40
N ASP A 53 -10.39 -26.14 -29.82
CA ASP A 53 -9.59 -26.90 -28.86
C ASP A 53 -10.32 -27.19 -27.55
N GLY A 54 -11.53 -26.64 -27.34
CA GLY A 54 -12.32 -26.96 -26.17
C GLY A 54 -12.04 -26.12 -24.96
N PHE A 55 -11.51 -24.91 -25.13
CA PHE A 55 -11.11 -24.04 -24.02
C PHE A 55 -11.62 -22.64 -24.29
N TRP A 56 -12.25 -22.04 -23.28
CA TRP A 56 -12.73 -20.66 -23.39
C TRP A 56 -11.56 -19.74 -23.69
N THR A 57 -11.71 -18.91 -24.72
CA THR A 57 -10.61 -18.13 -25.27
C THR A 57 -11.09 -16.73 -25.62
N SER A 58 -10.21 -15.75 -25.42
CA SER A 58 -10.59 -14.35 -25.48
C SER A 58 -10.35 -13.79 -26.88
N SER A 59 -10.69 -12.51 -27.05
CA SER A 59 -10.47 -11.83 -28.33
C SER A 59 -8.99 -11.71 -28.66
N LYS A 60 -8.11 -11.87 -27.68
CA LYS A 60 -6.66 -11.81 -27.86
C LYS A 60 -6.01 -13.18 -27.92
N GLY A 61 -6.78 -14.27 -27.79
CA GLY A 61 -6.23 -15.62 -27.77
C GLY A 61 -5.91 -16.17 -26.39
N GLU A 62 -6.09 -15.39 -25.33
CA GLU A 62 -5.84 -15.86 -23.99
C GLU A 62 -6.83 -16.94 -23.60
N LYS A 63 -6.34 -17.99 -22.94
CA LYS A 63 -7.18 -19.07 -22.46
C LYS A 63 -7.49 -18.98 -20.98
N SER A 64 -6.91 -18.01 -20.27
CA SER A 64 -7.08 -17.84 -18.83
C SER A 64 -7.94 -16.62 -18.53
N LEU A 65 -8.28 -16.47 -17.24
CA LEU A 65 -9.23 -15.46 -16.81
C LEU A 65 -8.68 -14.04 -17.00
N PRO A 66 -9.58 -13.03 -17.08
CA PRO A 66 -9.11 -11.65 -16.93
C PRO A 66 -8.84 -11.38 -15.47
N VAL A 67 -8.52 -10.13 -15.12
CA VAL A 67 -8.31 -9.75 -13.73
C VAL A 67 -9.16 -8.54 -13.42
N CYS A 68 -9.86 -8.59 -12.29
CA CYS A 68 -10.55 -7.44 -11.74
C CYS A 68 -9.61 -6.81 -10.72
N GLU A 69 -8.94 -5.74 -11.14
CA GLU A 69 -7.98 -5.07 -10.28
C GLU A 69 -8.64 -3.88 -9.60
N PRO A 70 -8.47 -3.67 -8.29
CA PRO A 70 -9.16 -2.54 -7.65
C PRO A 70 -8.65 -1.20 -8.12
N VAL A 71 -9.57 -0.25 -8.22
CA VAL A 71 -9.16 1.14 -8.37
C VAL A 71 -8.32 1.53 -7.16
N CYS A 72 -7.35 2.41 -7.37
CA CYS A 72 -6.44 2.81 -6.33
C CYS A 72 -6.29 4.33 -6.32
N GLY A 73 -5.91 4.85 -5.15
CA GLY A 73 -5.43 6.22 -5.03
C GLY A 73 -6.51 7.27 -4.97
N LEU A 74 -7.74 6.89 -4.71
CA LEU A 74 -8.81 7.84 -4.56
C LEU A 74 -8.79 8.39 -3.14
N SER A 75 -9.07 9.67 -3.04
CA SER A 75 -9.06 10.34 -1.75
C SER A 75 -10.16 11.40 -1.73
N ALA A 76 -10.77 11.59 -0.55
CA ALA A 76 -11.75 12.65 -0.35
C ALA A 76 -11.11 14.02 -0.23
N ARG A 77 -9.81 14.10 0.02
CA ARG A 77 -9.12 15.37 -0.13
C ARG A 77 -9.15 15.84 -1.59
N THR A 78 -9.23 14.90 -2.52
CA THR A 78 -9.25 15.15 -3.95
C THR A 78 -10.55 14.64 -4.58
N ILE A 83 1.78 11.18 14.28
CA ILE A 83 1.92 12.35 13.43
C ILE A 83 2.06 13.60 14.29
N TYR A 84 3.16 14.32 14.11
CA TYR A 84 3.46 15.54 14.84
C TYR A 84 3.07 16.73 13.98
N GLY A 85 2.26 17.64 14.53
CA GLY A 85 1.92 18.85 13.80
C GLY A 85 0.90 18.65 12.71
N GLY A 86 0.02 17.66 12.85
CA GLY A 86 -0.94 17.33 11.84
C GLY A 86 -2.35 17.66 12.26
N GLN A 87 -3.27 17.25 11.41
CA GLN A 87 -4.68 17.50 11.60
C GLN A 87 -5.42 16.21 11.37
N LYS A 88 -6.64 16.18 11.88
CA LYS A 88 -7.41 14.96 11.90
C LYS A 88 -7.91 14.66 10.51
N ALA A 89 -7.58 13.46 10.05
CA ALA A 89 -8.10 12.96 8.79
C ALA A 89 -9.61 12.88 8.82
N LYS A 90 -10.21 13.07 7.68
CA LYS A 90 -11.63 12.84 7.46
C LYS A 90 -11.87 11.46 6.85
N PRO A 91 -13.09 10.91 6.93
CA PRO A 91 -13.33 9.59 6.32
C PRO A 91 -13.05 9.62 4.82
N GLY A 92 -12.38 8.58 4.33
CA GLY A 92 -11.99 8.52 2.92
C GLY A 92 -10.81 9.37 2.54
N ASP A 93 -10.24 10.14 3.46
CA ASP A 93 -9.00 10.86 3.14
C ASP A 93 -7.89 9.85 2.79
N PHE A 94 -7.81 8.77 3.55
CA PHE A 94 -6.75 7.77 3.45
C PHE A 94 -7.40 6.39 3.50
N PRO A 95 -8.15 6.03 2.44
CA PRO A 95 -8.87 4.76 2.49
C PRO A 95 -7.96 3.58 2.45
N TRP A 96 -6.71 3.77 2.08
CA TRP A 96 -5.72 2.69 2.13
C TRP A 96 -5.12 2.49 3.52
N GLN A 97 -5.40 3.37 4.48
CA GLN A 97 -4.71 3.28 5.77
C GLN A 97 -5.05 1.96 6.45
N VAL A 98 -4.02 1.27 6.91
CA VAL A 98 -4.19 0.01 7.63
C VAL A 98 -3.53 0.14 8.99
N LEU A 99 -4.23 -0.33 10.04
CA LEU A 99 -3.70 -0.47 11.38
C LEU A 99 -3.26 -1.89 11.60
N ILE A 100 -2.05 -2.07 12.12
CA ILE A 100 -1.47 -3.38 12.40
C ILE A 100 -1.24 -3.47 13.90
N LEU A 101 -1.99 -4.35 14.58
CA LEU A 101 -1.88 -4.52 16.03
C LEU A 101 -1.32 -5.90 16.39
N GLY A 102 -0.80 -5.98 17.61
CA GLY A 102 -0.21 -7.18 18.12
C GLY A 102 0.96 -6.78 18.99
N GLY A 103 2.16 -6.98 18.46
CA GLY A 103 3.32 -6.34 19.03
C GLY A 103 3.32 -4.91 18.58
N THR A 104 2.99 -4.01 19.52
CA THR A 104 3.04 -2.55 19.37
C THR A 104 2.12 -2.06 18.25
N THR A 105 1.86 -0.76 18.22
CA THR A 105 1.00 -0.16 17.20
C THR A 105 1.82 0.22 15.96
N ALA A 106 1.30 -0.14 14.80
CA ALA A 106 1.96 0.23 13.56
C ALA A 106 0.89 0.37 12.50
N ALA A 107 1.34 0.52 11.26
CA ALA A 107 0.41 0.80 10.18
C ALA A 107 0.95 0.21 8.90
N GLY A 108 0.13 0.25 7.87
CA GLY A 108 0.53 -0.20 6.56
C GLY A 108 -0.37 0.54 5.60
N ALA A 109 -0.27 0.17 4.32
CA ALA A 109 -1.14 0.68 3.27
C ALA A 109 -1.69 -0.49 2.45
N LEU A 110 -2.98 -0.49 2.21
CA LEU A 110 -3.55 -1.54 1.37
C LEU A 110 -3.06 -1.43 -0.08
N LEU A 111 -2.72 -2.60 -0.65
CA LEU A 111 -2.43 -2.72 -2.08
C LEU A 111 -3.38 -3.77 -2.67
N TYR A 112 -3.97 -3.46 -3.82
CA TYR A 112 -4.95 -4.37 -4.44
C TYR A 112 -6.05 -4.55 -3.39
N ASP A 113 -6.57 -5.75 -3.18
CA ASP A 113 -7.54 -6.01 -2.13
C ASP A 113 -7.06 -7.08 -1.16
N ASN A 114 -5.78 -7.46 -1.20
CA ASN A 114 -5.32 -8.57 -0.38
C ASN A 114 -3.85 -8.44 0.00
N TRP A 115 -3.25 -7.27 -0.14
CA TRP A 115 -1.87 -7.04 0.27
C TRP A 115 -1.77 -5.76 1.09
N VAL A 116 -0.82 -5.75 2.02
CA VAL A 116 -0.52 -4.57 2.84
C VAL A 116 0.96 -4.30 2.74
N LEU A 117 1.30 -3.08 2.36
CA LEU A 117 2.69 -2.66 2.33
C LEU A 117 3.01 -2.02 3.66
N THR A 118 4.14 -2.38 4.24
CA THR A 118 4.49 -1.86 5.54
C THR A 118 6.01 -1.84 5.66
N ALA A 119 6.49 -1.44 6.82
CA ALA A 119 7.91 -1.43 7.13
C ALA A 119 8.25 -2.80 7.72
N ALA A 120 9.41 -3.33 7.37
CA ALA A 120 9.86 -4.58 7.96
C ALA A 120 10.01 -4.44 9.46
N HIS A 121 10.48 -3.28 9.94
CA HIS A 121 10.77 -3.13 11.35
C HIS A 121 9.50 -3.22 12.19
N ALA A 122 8.36 -2.87 11.59
CA ALA A 122 7.08 -2.92 12.29
C ALA A 122 6.55 -4.33 12.49
N VAL A 123 6.92 -5.28 11.64
CA VAL A 123 6.35 -6.63 11.65
C VAL A 123 7.40 -7.72 11.80
N TYR A 124 8.69 -7.37 11.85
CA TYR A 124 9.72 -8.40 11.86
C TYR A 124 9.56 -9.33 13.07
N GLU A 125 9.30 -8.79 14.24
CA GLU A 125 9.31 -9.63 15.44
C GLU A 125 8.09 -10.53 15.46
N GLN A 126 6.93 -10.01 15.07
CA GLN A 126 5.74 -10.83 15.01
C GLN A 126 5.85 -11.88 13.91
N LYS A 127 6.50 -11.55 12.78
CA LYS A 127 6.72 -12.53 11.73
C LYS A 127 7.54 -13.70 12.24
N HIS A 128 8.65 -13.40 12.92
CA HIS A 128 9.63 -14.44 13.22
C HIS A 128 9.30 -15.21 14.48
N ASP A 129 8.15 -14.95 15.10
CA ASP A 129 7.57 -15.97 15.98
C ASP A 129 6.16 -16.35 15.55
N ALA A 130 5.90 -16.28 14.23
CA ALA A 130 4.80 -17.00 13.58
C ALA A 130 3.45 -16.67 14.21
N SER A 131 3.29 -15.44 14.67
CA SER A 131 2.02 -14.96 15.19
C SER A 131 1.38 -14.16 14.07
N ALA A 132 0.16 -14.54 13.68
CA ALA A 132 -0.53 -13.83 12.62
C ALA A 132 -0.76 -12.38 13.04
N LEU A 133 -0.70 -11.49 12.05
CA LEU A 133 -0.87 -10.07 12.29
C LEU A 133 -2.34 -9.70 12.32
N ASP A 134 -2.73 -8.91 13.31
CA ASP A 134 -4.10 -8.40 13.43
C ASP A 134 -4.15 -7.10 12.63
N ILE A 135 -4.85 -7.13 11.51
CA ILE A 135 -4.85 -6.04 10.54
C ILE A 135 -6.27 -5.50 10.49
N ARG A 136 -6.39 -4.19 10.61
CA ARG A 136 -7.68 -3.53 10.72
C ARG A 136 -7.72 -2.35 9.77
N MET A 137 -8.88 -2.10 9.20
CA MET A 137 -9.00 -1.00 8.25
C MET A 137 -10.46 -0.57 8.17
N GLY A 138 -10.70 0.41 7.32
CA GLY A 138 -11.99 1.06 7.23
C GLY A 138 -12.35 1.90 8.41
N THR A 139 -11.38 2.27 9.25
CA THR A 139 -11.66 2.96 10.50
C THR A 139 -10.68 4.10 10.74
N LEU A 140 -11.21 5.26 11.12
CA LEU A 140 -10.38 6.36 11.54
C LEU A 140 -9.88 6.24 12.97
N LYS A 141 -10.59 5.50 13.83
CA LYS A 141 -10.28 5.43 15.26
C LYS A 141 -9.45 4.18 15.52
N ARG A 142 -8.25 4.37 16.03
CA ARG A 142 -7.35 3.27 16.34
C ARG A 142 -8.02 2.21 17.22
N LEU A 143 -8.83 2.65 18.19
CA LEU A 143 -9.36 1.75 19.21
C LEU A 143 -10.82 1.39 18.97
N SER A 144 -11.39 1.73 17.81
CA SER A 144 -12.80 1.46 17.61
C SER A 144 -13.02 -0.05 17.53
N PRO A 145 -14.12 -0.57 18.07
CA PRO A 145 -14.42 -2.00 17.87
C PRO A 145 -15.06 -2.31 16.52
N HIS A 146 -15.45 -1.30 15.75
CA HIS A 146 -16.00 -1.47 14.42
C HIS A 146 -14.91 -1.24 13.38
N TYR A 147 -14.59 -2.25 12.61
CA TYR A 147 -13.53 -2.16 11.62
C TYR A 147 -13.64 -3.41 10.76
N THR A 148 -12.94 -3.39 9.63
CA THR A 148 -12.79 -4.54 8.78
C THR A 148 -11.57 -5.32 9.27
N GLN A 149 -11.80 -6.56 9.61
CA GLN A 149 -10.75 -7.44 10.10
C GLN A 149 -10.07 -8.16 8.95
N ALA A 150 -8.77 -8.28 9.05
CA ALA A 150 -7.98 -9.10 8.17
C ALA A 150 -6.90 -9.75 9.00
N TRP A 151 -6.37 -10.85 8.49
CA TRP A 151 -5.30 -11.57 9.13
C TRP A 151 -4.25 -11.86 8.08
N SER A 152 -2.99 -11.81 8.49
CA SER A 152 -1.90 -12.18 7.61
C SER A 152 -1.95 -13.67 7.35
N GLU A 153 -1.92 -14.03 6.07
CA GLU A 153 -1.63 -15.36 5.59
C GLU A 153 -0.13 -15.58 5.46
N ALA A 154 0.61 -14.55 5.08
CA ALA A 154 2.05 -14.65 4.86
C ALA A 154 2.65 -13.26 4.95
N VAL A 155 3.86 -13.18 5.52
CA VAL A 155 4.58 -11.93 5.67
C VAL A 155 5.94 -12.08 4.98
N PHE A 156 6.27 -11.13 4.10
CA PHE A 156 7.52 -11.12 3.37
C PHE A 156 8.32 -9.93 3.85
N ILE A 157 9.42 -10.18 4.51
CA ILE A 157 10.36 -9.16 4.92
C ILE A 157 11.47 -9.10 3.88
N HIS A 158 11.88 -7.90 3.52
CA HIS A 158 12.89 -7.77 2.49
C HIS A 158 14.14 -8.53 2.88
N GLU A 159 14.69 -9.30 1.92
CA GLU A 159 15.82 -10.17 2.20
C GLU A 159 17.10 -9.42 2.53
N GLY A 160 17.12 -8.10 2.37
CA GLY A 160 18.28 -7.29 2.67
C GLY A 160 18.05 -6.50 3.91
N TYR A 161 16.95 -6.68 4.62
CA TYR A 161 16.67 -5.97 5.85
C TYR A 161 17.32 -6.74 6.98
N THR A 162 18.07 -6.03 7.83
CA THR A 162 18.67 -6.61 9.03
C THR A 162 18.04 -5.92 10.23
N HIS A 163 17.25 -6.66 11.01
CA HIS A 163 16.52 -6.06 12.12
C HIS A 163 17.44 -5.56 13.20
N ASP A 164 17.15 -4.35 13.70
CA ASP A 164 17.91 -3.67 14.76
C ASP A 164 19.34 -3.36 14.34
N ALA A 165 19.64 -3.42 13.02
CA ALA A 165 20.95 -3.09 12.48
C ALA A 165 20.74 -2.20 11.25
N GLY A 166 20.38 -0.94 11.49
CA GLY A 166 20.09 -0.01 10.43
C GLY A 166 18.73 -0.26 9.81
N PHE A 167 18.29 0.71 9.00
CA PHE A 167 16.97 0.67 8.39
C PHE A 167 16.99 0.54 6.88
N ASP A 168 18.12 0.20 6.27
CA ASP A 168 18.12 -0.04 4.84
C ASP A 168 17.24 -1.25 4.53
N ASN A 169 16.44 -1.11 3.48
CA ASN A 169 15.51 -2.14 2.99
C ASN A 169 14.38 -2.40 3.97
N ASP A 170 13.91 -1.33 4.63
CA ASP A 170 12.84 -1.39 5.62
C ASP A 170 11.51 -1.43 4.88
N ILE A 171 11.18 -2.61 4.38
CA ILE A 171 9.96 -2.79 3.59
C ILE A 171 9.49 -4.22 3.74
N ALA A 172 8.18 -4.42 3.83
CA ALA A 172 7.62 -5.74 4.01
C ALA A 172 6.28 -5.75 3.30
N LEU A 173 5.87 -6.92 2.83
CA LEU A 173 4.55 -7.15 2.27
C LEU A 173 3.83 -8.22 3.09
N ILE A 174 2.56 -7.96 3.36
CA ILE A 174 1.69 -8.89 4.06
C ILE A 174 0.61 -9.32 3.09
N LYS A 175 0.49 -10.64 2.89
CA LYS A 175 -0.63 -11.21 2.15
C LYS A 175 -1.75 -11.49 3.13
N LEU A 176 -2.93 -10.95 2.85
CA LEU A 176 -4.10 -11.16 3.68
C LEU A 176 -4.69 -12.53 3.36
N ASN A 177 -5.29 -13.19 4.36
CA ASN A 177 -5.89 -14.48 4.05
C ASN A 177 -7.22 -14.36 3.33
N ASN A 178 -7.81 -13.17 3.25
CA ASN A 178 -9.00 -12.95 2.44
C ASN A 178 -8.93 -11.58 1.79
N LYS A 179 -9.52 -11.49 0.61
CA LYS A 179 -9.72 -10.18 0.01
C LYS A 179 -10.61 -9.31 0.90
N VAL A 180 -10.30 -8.00 0.99
CA VAL A 180 -11.19 -7.04 1.63
C VAL A 180 -12.09 -6.43 0.55
N VAL A 181 -13.24 -5.93 0.97
CA VAL A 181 -14.18 -5.33 0.02
C VAL A 181 -13.72 -3.90 -0.27
N ILE A 182 -13.57 -3.59 -1.54
CA ILE A 182 -13.15 -2.26 -1.96
C ILE A 182 -14.40 -1.43 -2.15
N ASN A 183 -14.44 -0.30 -1.44
CA ASN A 183 -15.56 0.63 -1.46
C ASN A 183 -15.01 2.01 -1.14
N SER A 184 -15.92 2.94 -0.81
CA SER A 184 -15.51 4.32 -0.58
C SER A 184 -14.66 4.47 0.68
N ASN A 185 -14.77 3.57 1.65
CA ASN A 185 -13.96 3.68 2.85
C ASN A 185 -12.69 2.84 2.82
N ILE A 186 -12.61 1.84 1.95
CA ILE A 186 -11.42 0.99 1.82
C ILE A 186 -11.08 0.90 0.33
N THR A 187 -9.90 1.41 -0.03
CA THR A 187 -9.45 1.56 -1.39
C THR A 187 -7.93 1.51 -1.27
N PRO A 188 -7.25 0.70 -2.08
CA PRO A 188 -5.78 0.67 -1.98
C PRO A 188 -5.15 1.96 -2.49
N ILE A 189 -3.90 2.12 -2.13
CA ILE A 189 -3.04 3.15 -2.68
C ILE A 189 -2.42 2.63 -3.98
N CYS A 190 -2.14 3.53 -4.92
CA CYS A 190 -1.44 3.13 -6.14
C CYS A 190 0.06 3.06 -5.91
N LEU A 191 0.68 2.12 -6.59
CA LEU A 191 2.12 2.07 -6.70
C LEU A 191 2.61 3.15 -7.67
N PRO A 192 3.80 3.71 -7.45
CA PRO A 192 4.25 4.77 -8.36
C PRO A 192 4.50 4.23 -9.76
N ARG A 193 4.06 4.99 -10.76
CA ARG A 193 4.59 4.73 -12.11
C ARG A 193 6.05 5.19 -12.21
N LYS A 194 6.74 4.72 -13.25
CA LYS A 194 8.19 4.90 -13.34
C LYS A 194 8.57 6.37 -13.34
N GLU A 195 7.78 7.21 -14.00
CA GLU A 195 8.07 8.63 -14.06
C GLU A 195 7.59 9.38 -12.82
N ALA A 196 7.04 8.67 -11.83
CA ALA A 196 6.48 9.31 -10.64
C ALA A 196 7.52 10.08 -9.85
N GLU A 197 8.82 9.80 -10.06
CA GLU A 197 9.87 10.60 -9.45
C GLU A 197 9.67 12.10 -9.66
N SER A 198 9.09 12.50 -10.81
CA SER A 198 8.86 13.93 -11.06
C SER A 198 7.92 14.55 -10.04
N PHE A 199 7.14 13.75 -9.31
CA PHE A 199 6.28 14.22 -8.23
C PHE A 199 6.93 14.11 -6.86
N MET A 200 8.17 13.61 -6.79
CA MET A 200 8.88 13.33 -5.55
C MET A 200 10.23 14.04 -5.58
N ARG A 201 10.27 15.26 -6.08
CA ARG A 201 11.52 16.00 -6.09
C ARG A 201 11.67 16.72 -4.77
N THR A 202 12.88 17.18 -4.50
CA THR A 202 13.11 18.07 -3.38
C THR A 202 12.11 19.21 -3.41
N ASP A 203 11.44 19.43 -2.27
CA ASP A 203 10.41 20.43 -2.06
C ASP A 203 9.05 19.99 -2.58
N ASP A 204 8.91 18.84 -3.24
CA ASP A 204 7.56 18.36 -3.50
C ASP A 204 6.94 17.89 -2.19
N ILE A 205 5.62 17.92 -2.12
CA ILE A 205 4.86 17.76 -0.89
C ILE A 205 4.29 16.35 -0.87
N GLY A 206 4.62 15.60 0.18
CA GLY A 206 3.99 14.32 0.44
C GLY A 206 3.09 14.40 1.66
N THR A 207 2.29 13.37 1.86
CA THR A 207 1.41 13.33 3.01
C THR A 207 1.64 12.05 3.81
N ALA A 208 1.86 12.22 5.11
CA ALA A 208 2.02 11.11 6.01
C ALA A 208 0.79 11.08 6.90
N SER A 209 0.29 9.87 7.14
CA SER A 209 -0.89 9.69 7.97
C SER A 209 -0.62 8.57 8.97
N GLY A 210 -1.26 8.66 10.12
CA GLY A 210 -1.01 7.67 11.14
C GLY A 210 -1.69 8.03 12.44
N TRP A 211 -1.68 7.04 13.35
CA TRP A 211 -2.13 7.19 14.73
C TRP A 211 -0.97 7.30 15.71
N GLY A 212 0.20 7.64 15.22
CA GLY A 212 1.40 7.66 16.03
C GLY A 212 1.48 8.87 16.93
N LEU A 213 2.60 8.96 17.64
CA LEU A 213 2.77 10.04 18.60
C LEU A 213 2.53 11.40 17.96
N THR A 214 1.87 12.26 18.70
CA THR A 214 1.64 13.63 18.30
C THR A 214 2.60 14.52 19.06
N GLN A 215 2.46 15.83 18.85
CA GLN A 215 3.26 16.80 19.59
C GLN A 215 2.98 16.71 21.09
N ARG A 216 1.82 16.22 21.49
CA ARG A 216 1.58 16.00 22.91
C ARG A 216 2.36 14.82 23.46
N GLY A 217 2.95 13.99 22.60
CA GLY A 217 3.74 12.86 23.05
C GLY A 217 2.97 11.61 23.38
N PHE A 218 1.72 11.47 22.88
CA PHE A 218 0.88 10.29 23.03
C PHE A 218 0.37 9.85 21.67
N LEU A 219 0.05 8.56 21.54
CA LEU A 219 -0.58 8.09 20.31
C LEU A 219 -1.89 8.84 20.10
N ALA A 220 -2.29 8.95 18.84
CA ALA A 220 -3.55 9.58 18.52
C ALA A 220 -4.68 8.55 18.58
N ARG A 221 -5.88 9.04 18.90
CA ARG A 221 -7.05 8.16 18.88
C ARG A 221 -7.62 8.06 17.48
N ASN A 222 -7.57 9.16 16.76
CA ASN A 222 -8.10 9.32 15.42
C ASN A 222 -6.93 9.52 14.47
N LEU A 223 -7.10 9.03 13.25
CA LEU A 223 -6.07 9.15 12.23
C LEU A 223 -5.73 10.62 11.97
N MET A 224 -4.44 10.95 11.99
CA MET A 224 -3.92 12.29 11.79
C MET A 224 -3.10 12.28 10.51
N TYR A 225 -2.88 13.46 9.91
CA TYR A 225 -1.98 13.56 8.77
C TYR A 225 -1.28 14.92 8.70
N VAL A 226 -0.11 14.95 8.03
CA VAL A 226 0.67 16.16 7.76
C VAL A 226 1.11 16.18 6.30
N ASP A 227 1.15 17.39 5.72
CA ASP A 227 1.84 17.60 4.45
C ASP A 227 3.25 18.05 4.77
N ILE A 228 4.24 17.37 4.19
CA ILE A 228 5.64 17.66 4.47
C ILE A 228 6.44 17.66 3.16
N PRO A 229 7.44 18.54 3.02
CA PRO A 229 8.23 18.56 1.78
C PRO A 229 9.33 17.52 1.82
N ILE A 230 9.68 17.01 0.65
CA ILE A 230 10.86 16.18 0.53
C ILE A 230 12.08 17.04 0.77
N VAL A 231 13.03 16.50 1.48
CA VAL A 231 14.25 17.19 1.87
C VAL A 231 15.38 16.72 0.96
N ASP A 232 16.24 17.67 0.58
CA ASP A 232 17.43 17.34 -0.20
C ASP A 232 18.22 16.22 0.47
N HIS A 233 18.67 15.26 -0.34
CA HIS A 233 19.19 14.04 0.24
C HIS A 233 20.53 14.24 0.93
N GLN A 234 21.36 15.14 0.40
CA GLN A 234 22.60 15.49 1.09
C GLN A 234 22.29 16.05 2.46
N LYS A 235 21.31 16.95 2.53
CA LYS A 235 20.96 17.60 3.77
C LYS A 235 20.47 16.58 4.79
N CYS A 236 19.76 15.56 4.31
CA CYS A 236 19.26 14.54 5.23
C CYS A 236 20.38 13.62 5.67
N THR A 237 21.19 13.16 4.73
CA THR A 237 22.37 12.37 5.05
C THR A 237 23.21 13.05 6.12
N ALA A 238 23.41 14.36 5.99
CA ALA A 238 24.27 15.09 6.92
C ALA A 238 23.64 15.16 8.31
N ALA A 239 22.33 15.43 8.38
CA ALA A 239 21.66 15.56 9.67
C ALA A 239 21.77 14.30 10.53
N TYR A 240 22.00 13.14 9.92
CA TYR A 240 22.09 11.88 10.64
C TYR A 240 23.50 11.33 10.68
N GLU A 241 24.49 12.07 10.15
CA GLU A 241 25.90 11.71 10.30
C GLU A 241 26.39 12.31 11.64
N LYS A 242 26.05 11.61 12.74
CA LYS A 242 26.41 12.05 14.09
C LYS A 242 26.01 10.96 15.06
N PRO A 243 26.65 10.84 16.23
CA PRO A 243 26.16 9.88 17.20
C PRO A 243 24.75 10.28 17.63
N PRO A 244 23.95 9.31 18.07
CA PRO A 244 24.19 7.88 18.23
C PRO A 244 23.91 7.06 16.97
N TYR A 245 23.76 7.71 15.83
CA TYR A 245 23.30 7.01 14.63
C TYR A 245 24.42 6.19 14.00
N PRO A 246 24.11 5.02 13.44
CA PRO A 246 25.17 4.28 12.76
C PRO A 246 25.69 5.02 11.55
N ARG A 247 26.92 4.66 11.21
CA ARG A 247 27.55 5.19 10.01
C ARG A 247 26.68 4.90 8.80
N GLY A 248 26.39 5.93 8.01
CA GLY A 248 25.63 5.73 6.79
C GLY A 248 24.19 5.32 7.02
N SER A 249 23.51 5.95 7.96
CA SER A 249 22.15 5.53 8.29
C SER A 249 21.19 5.86 7.15
N VAL A 250 21.44 6.94 6.42
CA VAL A 250 20.63 7.34 5.29
C VAL A 250 21.28 6.82 4.02
N THR A 251 20.54 5.97 3.31
CA THR A 251 21.01 5.31 2.10
C THR A 251 20.24 5.83 0.90
N ALA A 252 20.63 5.36 -0.27
CA ALA A 252 19.93 5.74 -1.47
C ALA A 252 18.54 5.11 -1.57
N ASN A 253 18.21 4.18 -0.67
CA ASN A 253 16.88 3.56 -0.64
C ASN A 253 15.95 4.27 0.30
N MET A 254 16.30 5.49 0.69
CA MET A 254 15.51 6.29 1.61
C MET A 254 15.31 7.68 1.02
N LEU A 255 14.18 8.27 1.31
CA LEU A 255 13.88 9.66 1.04
C LEU A 255 13.52 10.33 2.36
N CYS A 256 13.91 11.57 2.51
CA CYS A 256 13.65 12.33 3.72
C CYS A 256 12.60 13.40 3.46
N ALA A 257 11.87 13.71 4.51
CA ALA A 257 10.75 14.61 4.40
C ALA A 257 10.48 15.21 5.76
N GLY A 258 10.31 16.52 5.79
CA GLY A 258 10.21 17.22 7.06
C GLY A 258 10.71 18.64 6.91
N LEU A 259 10.80 19.31 8.05
CA LEU A 259 10.98 20.75 8.11
C LEU A 259 12.30 21.08 8.79
N GLU A 260 13.01 22.06 8.23
CA GLU A 260 14.14 22.63 8.95
C GLU A 260 13.72 23.15 10.31
N SER A 261 12.50 23.69 10.41
CA SER A 261 11.99 24.17 11.69
C SER A 261 11.67 23.03 12.65
N GLY A 262 10.87 22.07 12.18
CA GLY A 262 10.70 20.79 12.87
C GLY A 262 9.28 20.38 13.23
N GLY A 263 8.31 21.27 13.11
CA GLY A 263 7.00 20.99 13.69
C GLY A 263 6.04 20.15 12.86
N LYS A 264 6.56 19.27 12.01
CA LYS A 264 5.73 18.42 11.15
C LYS A 264 6.51 17.14 10.87
N ASP A 265 5.99 16.00 11.30
CA ASP A 265 6.81 14.79 11.24
C ASP A 265 5.93 13.58 11.50
N SER A 266 6.46 12.42 11.15
CA SER A 266 5.90 11.13 11.55
C SER A 266 6.70 10.66 12.77
N CYS A 267 6.08 9.85 13.62
CA CYS A 267 6.69 9.47 14.89
C CYS A 267 6.45 7.99 15.17
N ARG A 268 6.94 7.53 16.32
CA ARG A 268 6.68 6.17 16.77
C ARG A 268 5.17 5.91 16.73
N GLY A 269 4.78 4.74 16.21
CA GLY A 269 3.39 4.38 15.98
C GLY A 269 2.88 4.67 14.59
N ASP A 270 3.57 5.53 13.84
CA ASP A 270 3.27 5.73 12.42
C ASP A 270 4.01 4.76 11.51
N SER A 271 4.96 4.00 12.06
CA SER A 271 5.77 3.02 11.34
C SER A 271 4.96 2.24 10.33
N GLY A 272 5.51 2.13 9.10
CA GLY A 272 4.83 1.40 8.06
C GLY A 272 3.78 2.16 7.31
N GLY A 273 3.36 3.34 7.78
CA GLY A 273 2.38 4.11 7.04
C GLY A 273 2.92 4.55 5.68
N ALA A 274 2.00 4.84 4.76
CA ALA A 274 2.37 5.27 3.42
C ALA A 274 2.58 6.77 3.42
N LEU A 275 3.74 7.21 2.94
CA LEU A 275 3.94 8.62 2.58
C LEU A 275 3.47 8.75 1.14
N VAL A 276 2.37 9.46 0.94
CA VAL A 276 1.71 9.47 -0.34
C VAL A 276 1.92 10.81 -1.03
N PHE A 277 1.80 10.75 -2.34
CA PHE A 277 1.95 11.92 -3.20
C PHE A 277 0.87 11.86 -4.26
N LEU A 278 0.49 13.04 -4.78
CA LEU A 278 -0.52 13.13 -5.83
C LEU A 278 0.14 13.09 -7.20
N ASP A 279 -0.18 12.08 -7.98
CA ASP A 279 0.11 12.13 -9.42
C ASP A 279 -0.90 13.10 -10.04
N SER A 280 -0.47 14.34 -10.27
CA SER A 280 -1.45 15.35 -10.66
C SER A 280 -2.02 15.12 -12.05
N GLU A 281 -1.37 14.29 -12.86
CA GLU A 281 -1.83 13.95 -14.21
C GLU A 281 -2.80 12.78 -14.24
N THR A 282 -2.51 11.68 -13.55
CA THR A 282 -3.52 10.63 -13.42
C THR A 282 -4.59 11.00 -12.41
N GLU A 283 -4.30 11.98 -11.55
CA GLU A 283 -5.19 12.43 -10.49
C GLU A 283 -5.45 11.32 -9.47
N ARG A 284 -4.41 10.53 -9.19
CA ARG A 284 -4.46 9.46 -8.20
C ARG A 284 -3.30 9.61 -7.22
N TRP A 285 -3.53 9.24 -5.96
CA TRP A 285 -2.47 9.21 -4.95
C TRP A 285 -1.67 7.92 -5.07
N PHE A 286 -0.36 8.05 -4.85
CA PHE A 286 0.52 6.88 -4.86
C PHE A 286 1.45 6.93 -3.66
N VAL A 287 2.00 5.77 -3.34
CA VAL A 287 2.88 5.64 -2.18
C VAL A 287 4.31 5.90 -2.65
N GLY A 288 4.89 7.00 -2.16
CA GLY A 288 6.27 7.31 -2.45
C GLY A 288 7.20 6.80 -1.36
N GLY A 289 6.70 6.74 -0.14
CA GLY A 289 7.52 6.38 1.00
C GLY A 289 6.76 5.50 1.98
N ILE A 290 7.54 4.81 2.79
CA ILE A 290 7.03 4.07 3.94
C ILE A 290 7.66 4.70 5.19
N VAL A 291 6.83 5.00 6.20
CA VAL A 291 7.35 5.53 7.46
C VAL A 291 8.34 4.53 8.04
N SER A 292 9.59 4.95 8.20
CA SER A 292 10.68 4.07 8.61
C SER A 292 11.35 4.50 9.92
N TRP A 293 12.09 5.59 9.93
CA TRP A 293 12.81 6.00 11.12
C TRP A 293 12.99 7.50 11.06
N GLY A 294 13.69 8.01 12.06
CA GLY A 294 13.93 9.42 12.25
C GLY A 294 14.59 9.58 13.61
N SER A 295 14.65 10.81 14.11
CA SER A 295 15.22 10.99 15.45
C SER A 295 14.26 10.49 16.52
N MET A 296 14.81 10.09 17.68
CA MET A 296 13.97 9.64 18.79
C MET A 296 13.07 10.74 19.32
N ASN A 297 13.42 12.00 19.09
CA ASN A 297 12.57 13.13 19.42
C ASN A 297 11.80 13.51 18.15
N CYS A 298 10.56 13.07 18.08
CA CYS A 298 9.75 13.36 16.91
C CYS A 298 9.57 14.86 16.75
N GLY A 299 9.64 15.34 15.50
CA GLY A 299 9.41 16.74 15.21
C GLY A 299 10.55 17.66 15.63
N GLU A 300 11.72 17.11 15.90
CA GLU A 300 12.86 17.94 16.26
C GLU A 300 13.34 18.73 15.06
N ALA A 301 13.77 19.96 15.30
CA ALA A 301 14.32 20.80 14.25
C ALA A 301 15.51 20.14 13.58
N GLY A 302 15.51 20.16 12.25
CA GLY A 302 16.63 19.67 11.46
C GLY A 302 16.79 18.16 11.39
N GLN A 303 15.91 17.38 12.03
CA GLN A 303 16.03 15.93 12.07
C GLN A 303 14.80 15.39 11.34
N TYR A 304 14.99 15.13 10.06
CA TYR A 304 13.91 14.89 9.14
C TYR A 304 13.40 13.47 9.27
N GLY A 305 12.14 13.26 8.94
CA GLY A 305 11.64 11.90 8.85
C GLY A 305 12.31 11.19 7.70
N VAL A 306 12.62 9.91 7.92
CA VAL A 306 13.28 9.07 6.91
C VAL A 306 12.33 7.96 6.49
N TYR A 307 12.15 7.80 5.18
CA TYR A 307 11.11 6.97 4.61
C TYR A 307 11.76 6.02 3.61
N THR A 308 11.36 4.75 3.65
CA THR A 308 11.80 3.81 2.63
C THR A 308 11.33 4.29 1.29
N LYS A 309 12.21 4.29 0.32
CA LYS A 309 11.93 4.86 -0.99
C LYS A 309 11.28 3.80 -1.87
N VAL A 310 9.95 3.86 -1.99
CA VAL A 310 9.22 2.71 -2.53
C VAL A 310 9.55 2.47 -3.99
N ILE A 311 9.86 3.52 -4.76
CA ILE A 311 10.08 3.34 -6.19
C ILE A 311 11.27 2.43 -6.43
N ASN A 312 12.28 2.44 -5.55
CA ASN A 312 13.39 1.50 -5.70
C ASN A 312 12.98 0.03 -5.52
N TYR A 313 11.83 -0.25 -4.88
CA TYR A 313 11.40 -1.60 -4.53
C TYR A 313 10.26 -2.11 -5.39
N ILE A 314 9.98 -1.45 -6.52
CA ILE A 314 8.91 -1.91 -7.40
C ILE A 314 9.20 -3.30 -7.96
N PRO A 315 10.41 -3.63 -8.44
CA PRO A 315 10.66 -5.01 -8.87
C PRO A 315 10.38 -6.02 -7.75
N TRP A 316 10.84 -5.72 -6.53
CA TRP A 316 10.64 -6.62 -5.40
C TRP A 316 9.15 -6.81 -5.11
N ILE A 317 8.43 -5.70 -5.05
CA ILE A 317 7.00 -5.74 -4.74
C ILE A 317 6.29 -6.56 -5.78
N GLU A 318 6.56 -6.24 -7.03
CA GLU A 318 5.93 -6.93 -8.15
C GLU A 318 6.33 -8.39 -8.18
N ASN A 319 7.59 -8.70 -7.87
CA ASN A 319 8.03 -10.10 -7.79
C ASN A 319 7.19 -10.86 -6.78
N ILE A 320 6.96 -10.28 -5.60
CA ILE A 320 6.24 -11.00 -4.56
C ILE A 320 4.76 -11.11 -4.89
N ILE A 321 4.14 -10.00 -5.27
CA ILE A 321 2.72 -10.04 -5.54
C ILE A 321 2.42 -10.93 -6.75
N SER A 322 3.31 -10.92 -7.76
CA SER A 322 3.01 -11.70 -8.95
C SER A 322 3.17 -13.20 -8.70
N ASP A 323 4.03 -13.57 -7.74
CA ASP A 323 4.34 -14.97 -7.49
C ASP A 323 3.49 -15.61 -6.40
N PHE A 324 2.91 -14.82 -5.51
CA PHE A 324 2.02 -15.32 -4.48
C PHE A 324 0.68 -14.60 -4.63
#